data_4YQ2
#
_entry.id   4YQ2
#
_cell.length_a   98.532
_cell.length_b   98.532
_cell.length_c   176.274
_cell.angle_alpha   90.000
_cell.angle_beta   90.000
_cell.angle_gamma   120.000
#
_symmetry.space_group_name_H-M   'H 3 2'
#
loop_
_entity.id
_entity.type
_entity.pdbx_description
1 polymer 'tRNA (guanine-N(1)-)-methyltransferase'
2 non-polymer N-(1-{[(3-tert-butylbenzoyl)amino]methyl}cyclopentyl)-2,1-benzoxazole-4-carboxamide
3 water water
#
_entity_poly.entity_id   1
_entity_poly.type   'polypeptide(L)'
_entity_poly.pdbx_seq_one_letter_code
;GLVPRGSHMWIGVISLFPEMFKAITEFGVTGRAVKHNLLKVECWNPRDFTFDKHKTVDDRPYGGGPGMLMMVQPLRDAIH
TAKAAAGEGAKVIYLSPQGRKLDQGGVTELAQNQKLILVCGRYEGIDERLIQTEIDEEWSIGDYVLTGGELPAMTLIDAV
ARFIPGVLGKQASAEEDSFADGLLDCPHYTRPEVLEGLTVPPVLMSGHHEEIRKWRLKQSLQRTWLRRPELLEGLALTDE
QRKLLKEAQAEHNS
;
_entity_poly.pdbx_strand_id   A
#
loop_
_chem_comp.id
_chem_comp.type
_chem_comp.name
_chem_comp.formula
EFY non-polymer N-(1-{[(3-tert-butylbenzoyl)amino]methyl}cyclopentyl)-2,1-benzoxazole-4-carboxamide 'C25 H29 N3 O3'
#
# COMPACT_ATOMS: atom_id res chain seq x y z
N ARG A 5 0.75 -6.29 23.30
CA ARG A 5 -0.02 -7.53 23.51
C ARG A 5 0.65 -8.90 23.18
N GLY A 6 1.68 -9.03 22.32
CA GLY A 6 2.20 -8.04 21.40
C GLY A 6 1.55 -8.19 20.04
N SER A 7 0.84 -7.14 19.61
CA SER A 7 0.26 -7.07 18.28
C SER A 7 1.05 -6.14 17.37
N HIS A 8 2.15 -5.58 17.88
CA HIS A 8 3.02 -4.73 17.09
C HIS A 8 3.37 -5.42 15.78
N MET A 9 3.27 -4.67 14.69
CA MET A 9 3.66 -5.17 13.39
C MET A 9 5.12 -4.84 13.10
N TRP A 10 5.80 -5.78 12.45
CA TRP A 10 7.19 -5.63 12.10
C TRP A 10 7.35 -5.78 10.59
N ILE A 11 8.05 -4.83 9.98
CA ILE A 11 8.26 -4.86 8.53
C ILE A 11 9.73 -4.58 8.28
N GLY A 12 10.41 -5.55 7.69
CA GLY A 12 11.76 -5.35 7.26
C GLY A 12 11.77 -4.85 5.83
N VAL A 13 12.74 -4.00 5.52
CA VAL A 13 12.84 -3.43 4.19
C VAL A 13 14.24 -3.68 3.66
N ILE A 14 14.33 -4.15 2.42
CA ILE A 14 15.58 -4.24 1.69
C ILE A 14 15.56 -3.14 0.62
N SER A 15 16.42 -2.13 0.78
CA SER A 15 16.43 -1.01 -0.15
C SER A 15 17.84 -0.46 -0.32
N LEU A 16 18.18 -0.04 -1.54
CA LEU A 16 19.41 0.73 -1.74
C LEU A 16 19.35 2.14 -1.14
N PHE A 17 18.17 2.61 -0.72
CA PHE A 17 18.00 3.99 -0.25
C PHE A 17 17.15 3.97 1.00
N PRO A 18 17.65 3.38 2.08
CA PRO A 18 16.84 3.28 3.30
C PRO A 18 16.40 4.63 3.86
N GLU A 19 17.10 5.73 3.57
CA GLU A 19 16.72 7.01 4.15
C GLU A 19 15.37 7.52 3.64
N MET A 20 14.93 7.06 2.46
CA MET A 20 13.60 7.41 1.95
C MET A 20 12.49 7.04 2.93
N PHE A 21 12.64 5.94 3.67
CA PHE A 21 11.56 5.47 4.52
C PHE A 21 11.30 6.37 5.71
N LYS A 22 12.17 7.36 5.95
CA LYS A 22 11.84 8.42 6.89
C LYS A 22 10.50 9.03 6.54
N ALA A 23 10.15 9.07 5.26
CA ALA A 23 8.88 9.65 4.81
C ALA A 23 7.68 8.96 5.43
N ILE A 24 7.77 7.67 5.77
CA ILE A 24 6.71 7.03 6.53
C ILE A 24 7.01 6.83 8.01
N THR A 25 8.28 6.78 8.42
CA THR A 25 8.56 6.55 9.83
C THR A 25 8.58 7.82 10.67
N GLU A 26 8.65 8.99 10.05
CA GLU A 26 8.77 10.24 10.80
C GLU A 26 7.60 11.18 10.60
N PHE A 27 6.56 10.78 9.87
CA PHE A 27 5.48 11.69 9.52
C PHE A 27 4.14 11.00 9.61
N GLY A 28 3.13 11.80 9.98
CA GLY A 28 1.74 11.39 9.89
C GLY A 28 1.37 10.19 10.76
N VAL A 29 0.38 9.44 10.25
CA VAL A 29 -0.20 8.31 10.97
C VAL A 29 0.86 7.25 11.23
N THR A 30 1.58 6.85 10.18
CA THR A 30 2.63 5.85 10.36
C THR A 30 3.71 6.34 11.32
N GLY A 31 4.04 7.64 11.28
CA GLY A 31 5.03 8.16 12.19
C GLY A 31 4.59 8.05 13.64
N ARG A 32 3.34 8.44 13.92
CA ARG A 32 2.80 8.20 15.25
C ARG A 32 2.80 6.72 15.60
N ALA A 33 2.53 5.85 14.61
CA ALA A 33 2.53 4.41 14.89
C ALA A 33 3.93 3.90 15.24
N VAL A 34 4.97 4.49 14.64
CA VAL A 34 6.35 4.15 14.98
C VAL A 34 6.73 4.73 16.34
N LYS A 35 6.30 5.97 16.65
CA LYS A 35 6.63 6.56 17.95
C LYS A 35 6.03 5.79 19.11
N HIS A 36 4.86 5.17 18.92
CA HIS A 36 4.16 4.47 19.98
C HIS A 36 4.43 2.96 19.96
N ASN A 37 5.49 2.54 19.27
CA ASN A 37 5.97 1.16 19.21
C ASN A 37 4.94 0.16 18.68
N LEU A 38 3.93 0.65 17.96
CA LEU A 38 2.96 -0.20 17.31
C LEU A 38 3.44 -0.74 15.97
N LEU A 39 4.41 -0.07 15.34
CA LEU A 39 4.98 -0.52 14.07
C LEU A 39 6.47 -0.31 14.14
N LYS A 40 7.24 -1.32 13.75
CA LYS A 40 8.68 -1.18 13.63
C LYS A 40 9.06 -1.40 12.17
N VAL A 41 9.82 -0.47 11.61
CA VAL A 41 10.29 -0.56 10.23
C VAL A 41 11.81 -0.62 10.28
N GLU A 42 12.38 -1.72 9.81
CA GLU A 42 13.83 -1.94 9.82
C GLU A 42 14.36 -2.08 8.40
N CYS A 43 15.40 -1.32 8.09
CA CYS A 43 15.98 -1.30 6.75
C CYS A 43 17.35 -1.95 6.75
N TRP A 44 17.63 -2.69 5.68
CA TRP A 44 18.94 -3.23 5.37
C TRP A 44 19.28 -2.83 3.96
N ASN A 45 20.52 -2.40 3.75
CA ASN A 45 20.94 -1.83 2.48
C ASN A 45 21.90 -2.81 1.82
N PRO A 46 21.59 -3.33 0.63
CA PRO A 46 22.55 -4.20 -0.08
C PRO A 46 23.93 -3.59 -0.23
N ARG A 47 24.01 -2.27 -0.27
CA ARG A 47 25.31 -1.59 -0.30
C ARG A 47 26.20 -2.00 0.86
N ASP A 48 25.61 -2.34 2.01
CA ASP A 48 26.35 -2.78 3.19
C ASP A 48 26.73 -4.27 3.16
N PHE A 49 26.33 -5.02 2.13
CA PHE A 49 26.61 -6.44 2.02
C PHE A 49 27.54 -6.75 0.86
N THR A 50 28.30 -5.76 0.42
CA THR A 50 29.26 -5.92 -0.67
C THR A 50 30.63 -6.18 -0.08
N PHE A 51 31.53 -6.65 -0.93
CA PHE A 51 32.88 -6.93 -0.48
C PHE A 51 33.98 -6.32 -1.34
N ASP A 52 33.65 -5.66 -2.43
CA ASP A 52 34.62 -4.93 -3.22
C ASP A 52 34.84 -3.53 -2.64
N LYS A 53 35.93 -2.89 -3.09
CA LYS A 53 36.27 -1.54 -2.62
C LYS A 53 35.20 -0.52 -2.95
N HIS A 54 34.54 -0.65 -4.10
CA HIS A 54 33.60 0.36 -4.57
C HIS A 54 32.14 0.04 -4.25
N LYS A 55 31.87 -0.95 -3.40
CA LYS A 55 30.52 -1.31 -2.96
C LYS A 55 29.54 -1.42 -4.14
N THR A 56 29.89 -2.24 -5.11
CA THR A 56 29.08 -2.36 -6.32
C THR A 56 27.78 -3.11 -6.03
N VAL A 57 26.66 -2.57 -6.51
CA VAL A 57 25.33 -3.15 -6.27
C VAL A 57 24.55 -3.41 -7.54
N ASP A 58 25.09 -3.10 -8.70
CA ASP A 58 24.47 -3.48 -9.96
C ASP A 58 25.35 -4.48 -10.69
N ASP A 59 24.79 -5.11 -11.72
CA ASP A 59 25.50 -6.12 -12.49
C ASP A 59 24.95 -6.13 -13.91
N ARG A 60 25.75 -6.61 -14.85
CA ARG A 60 25.30 -6.71 -16.23
C ARG A 60 24.36 -7.91 -16.38
N PRO A 61 23.43 -7.86 -17.33
CA PRO A 61 22.57 -9.02 -17.59
C PRO A 61 23.20 -9.99 -18.58
N TYR A 62 23.04 -11.27 -18.29
CA TYR A 62 23.34 -12.28 -19.30
C TYR A 62 22.47 -12.01 -20.51
N GLY A 63 23.08 -11.98 -21.68
CA GLY A 63 22.39 -11.64 -22.90
C GLY A 63 22.70 -10.27 -23.42
N GLY A 64 23.41 -9.44 -22.61
CA GLY A 64 23.78 -8.10 -23.00
C GLY A 64 22.65 -7.08 -22.92
N GLY A 65 23.02 -5.82 -23.23
CA GLY A 65 22.06 -4.75 -23.33
C GLY A 65 22.29 -3.69 -22.25
N PRO A 66 21.56 -2.57 -22.35
CA PRO A 66 21.81 -1.47 -21.41
C PRO A 66 21.14 -1.64 -20.06
N GLY A 67 20.27 -2.63 -19.89
CA GLY A 67 19.53 -2.71 -18.67
C GLY A 67 20.24 -3.38 -17.52
N MET A 68 20.81 -2.58 -16.63
CA MET A 68 21.48 -3.13 -15.45
CA MET A 68 21.48 -3.13 -15.45
C MET A 68 20.47 -3.79 -14.52
N LEU A 69 20.97 -4.71 -13.70
CA LEU A 69 20.20 -5.45 -12.70
C LEU A 69 20.82 -5.24 -11.32
N MET A 70 20.02 -5.45 -10.28
CA MET A 70 20.56 -5.52 -8.94
C MET A 70 21.53 -6.70 -8.86
N MET A 71 22.71 -6.45 -8.29
CA MET A 71 23.67 -7.53 -8.13
C MET A 71 23.14 -8.57 -7.14
N VAL A 72 23.29 -9.85 -7.49
CA VAL A 72 22.59 -10.90 -6.77
C VAL A 72 23.14 -11.04 -5.36
N GLN A 73 24.47 -11.12 -5.23
CA GLN A 73 25.07 -11.40 -3.93
C GLN A 73 24.68 -10.39 -2.86
N PRO A 74 24.99 -9.08 -2.99
CA PRO A 74 24.62 -8.14 -1.92
C PRO A 74 23.13 -8.12 -1.61
N LEU A 75 22.29 -8.26 -2.63
CA LEU A 75 20.84 -8.30 -2.44
C LEU A 75 20.40 -9.53 -1.64
N ARG A 76 20.80 -10.72 -2.11
CA ARG A 76 20.44 -11.96 -1.41
C ARG A 76 20.91 -11.92 0.04
N ASP A 77 22.09 -11.37 0.30
CA ASP A 77 22.61 -11.45 1.64
C ASP A 77 21.90 -10.48 2.58
N ALA A 78 21.45 -9.33 2.07
CA ALA A 78 20.59 -8.44 2.86
C ALA A 78 19.26 -9.12 3.20
N ILE A 79 18.64 -9.79 2.21
CA ILE A 79 17.42 -10.53 2.47
C ILE A 79 17.62 -11.55 3.59
N HIS A 80 18.71 -12.32 3.53
CA HIS A 80 18.98 -13.35 4.53
C HIS A 80 19.14 -12.76 5.92
N THR A 81 19.87 -11.64 6.02
CA THR A 81 20.01 -11.00 7.32
C THR A 81 18.65 -10.55 7.84
N ALA A 82 17.80 -10.05 6.95
CA ALA A 82 16.45 -9.65 7.33
C ALA A 82 15.63 -10.85 7.79
N LYS A 83 15.72 -11.97 7.07
CA LYS A 83 15.02 -13.18 7.48
C LYS A 83 15.54 -13.67 8.82
N ALA A 84 16.83 -13.55 9.05
CA ALA A 84 17.40 -13.97 10.32
C ALA A 84 16.85 -13.13 11.47
N ALA A 85 16.64 -11.83 11.24
CA ALA A 85 16.10 -10.95 12.28
C ALA A 85 14.61 -11.12 12.49
N ALA A 86 13.89 -11.54 11.46
CA ALA A 86 12.45 -11.73 11.60
C ALA A 86 12.12 -12.96 12.43
N GLY A 87 12.94 -14.00 12.34
CA GLY A 87 12.56 -15.23 12.96
C GLY A 87 11.62 -15.99 12.04
N GLU A 88 11.01 -17.02 12.62
CA GLU A 88 10.17 -17.93 11.84
C GLU A 88 8.94 -17.19 11.32
N GLY A 89 8.61 -17.44 10.04
CA GLY A 89 7.32 -17.07 9.48
C GLY A 89 7.17 -15.70 8.86
N ALA A 90 8.26 -15.05 8.45
CA ALA A 90 8.14 -13.77 7.76
C ALA A 90 7.85 -13.99 6.28
N LYS A 91 6.91 -13.23 5.75
CA LYS A 91 6.56 -13.30 4.33
C LYS A 91 7.42 -12.29 3.59
N VAL A 92 8.10 -12.74 2.55
CA VAL A 92 8.98 -11.89 1.77
C VAL A 92 8.25 -11.51 0.50
N ILE A 93 8.18 -10.22 0.24
CA ILE A 93 7.40 -9.66 -0.85
C ILE A 93 8.33 -8.88 -1.74
N TYR A 94 8.30 -9.18 -3.03
CA TYR A 94 8.98 -8.36 -4.01
C TYR A 94 7.96 -7.38 -4.55
N LEU A 95 8.12 -6.09 -4.23
CA LEU A 95 7.45 -5.02 -4.96
C LEU A 95 7.94 -5.05 -6.41
N SER A 96 7.05 -5.43 -7.34
CA SER A 96 7.41 -5.80 -8.71
C SER A 96 6.35 -5.32 -9.67
N PRO A 97 6.74 -4.75 -10.82
CA PRO A 97 5.74 -4.40 -11.85
C PRO A 97 5.03 -5.60 -12.49
N GLN A 98 5.53 -6.83 -12.29
CA GLN A 98 4.89 -8.03 -12.78
C GLN A 98 4.17 -8.81 -11.68
N GLY A 99 3.86 -8.15 -10.56
CA GLY A 99 3.21 -8.80 -9.43
C GLY A 99 1.69 -8.79 -9.51
N ARG A 100 1.06 -9.41 -8.51
CA ARG A 100 -0.38 -9.32 -8.37
C ARG A 100 -0.78 -7.88 -8.02
N LYS A 101 -1.84 -7.39 -8.68
CA LYS A 101 -2.32 -6.01 -8.48
C LYS A 101 -2.73 -5.77 -7.03
N LEU A 102 -2.19 -4.71 -6.44
CA LEU A 102 -2.63 -4.32 -5.10
C LEU A 102 -4.03 -3.74 -5.15
N ASP A 103 -4.89 -4.23 -4.26
CA ASP A 103 -6.21 -3.66 -4.05
C ASP A 103 -6.59 -3.92 -2.60
N GLN A 104 -7.74 -3.37 -2.17
CA GLN A 104 -8.00 -3.33 -0.75
C GLN A 104 -8.08 -4.75 -0.17
N GLY A 105 -8.70 -5.66 -0.92
CA GLY A 105 -8.67 -7.07 -0.54
C GLY A 105 -7.28 -7.61 -0.32
N GLY A 106 -6.38 -7.32 -1.27
CA GLY A 106 -4.98 -7.72 -1.10
C GLY A 106 -4.34 -7.12 0.14
N VAL A 107 -4.62 -5.85 0.42
CA VAL A 107 -4.10 -5.21 1.63
C VAL A 107 -4.53 -5.96 2.88
N THR A 108 -5.81 -6.34 2.96
CA THR A 108 -6.26 -7.05 4.16
C THR A 108 -5.58 -8.41 4.31
N GLU A 109 -5.34 -9.11 3.20
CA GLU A 109 -4.53 -10.33 3.22
C GLU A 109 -3.17 -10.06 3.84
N LEU A 110 -2.41 -9.13 3.24
CA LEU A 110 -1.06 -8.84 3.69
C LEU A 110 -1.03 -8.32 5.13
N ALA A 111 -2.09 -7.62 5.56
CA ALA A 111 -2.14 -7.10 6.92
C ALA A 111 -2.30 -8.21 7.95
N GLN A 112 -2.70 -9.41 7.52
CA GLN A 112 -2.83 -10.54 8.41
C GLN A 112 -1.48 -11.20 8.73
N ASN A 113 -0.37 -10.68 8.20
CA ASN A 113 0.97 -11.16 8.53
C ASN A 113 1.59 -10.26 9.59
N GLN A 114 2.21 -10.86 10.62
CA GLN A 114 2.82 -10.05 11.68
C GLN A 114 4.24 -9.63 11.34
N LYS A 115 4.94 -10.42 10.52
CA LYS A 115 6.26 -10.10 10.01
C LYS A 115 6.21 -10.08 8.49
N LEU A 116 6.60 -8.97 7.88
CA LEU A 116 6.79 -8.86 6.44
C LEU A 116 8.18 -8.34 6.15
N ILE A 117 8.75 -8.80 5.05
CA ILE A 117 10.00 -8.25 4.53
C ILE A 117 9.70 -7.74 3.14
N LEU A 118 9.99 -6.46 2.90
CA LEU A 118 9.73 -5.85 1.62
C LEU A 118 11.05 -5.68 0.89
N VAL A 119 11.09 -6.16 -0.34
CA VAL A 119 12.27 -6.05 -1.16
C VAL A 119 11.96 -5.05 -2.24
N CYS A 120 12.74 -3.98 -2.29
CA CYS A 120 12.53 -2.92 -3.27
C CYS A 120 13.57 -3.06 -4.37
N GLY A 121 13.10 -3.16 -5.62
CA GLY A 121 14.00 -3.18 -6.75
C GLY A 121 14.53 -1.81 -7.15
N ARG A 122 15.70 -1.83 -7.82
CA ARG A 122 16.26 -0.70 -8.58
C ARG A 122 16.67 -1.22 -9.94
N TYR A 123 17.17 -0.33 -10.79
CA TYR A 123 17.63 -0.66 -12.16
C TYR A 123 16.45 -1.30 -12.92
N GLU A 124 16.68 -2.30 -13.77
CA GLU A 124 15.59 -3.05 -14.36
C GLU A 124 15.05 -4.14 -13.42
N GLY A 125 15.62 -4.34 -12.23
CA GLY A 125 15.07 -5.27 -11.27
C GLY A 125 16.08 -6.34 -10.86
N ILE A 126 15.54 -7.48 -10.45
CA ILE A 126 16.31 -8.52 -9.78
C ILE A 126 16.30 -9.80 -10.62
N ASP A 127 17.31 -10.65 -10.38
CA ASP A 127 17.40 -11.93 -11.06
C ASP A 127 16.12 -12.76 -10.89
N GLU A 128 15.63 -13.30 -11.99
CA GLU A 128 14.47 -14.18 -11.95
C GLU A 128 14.60 -15.29 -10.90
N ARG A 129 15.78 -15.94 -10.83
CA ARG A 129 15.96 -17.06 -9.89
C ARG A 129 15.82 -16.61 -8.44
N LEU A 130 16.09 -15.34 -8.15
CA LEU A 130 15.88 -14.84 -6.79
C LEU A 130 14.42 -14.84 -6.40
N ILE A 131 13.51 -14.77 -7.39
CA ILE A 131 12.10 -14.88 -7.08
C ILE A 131 11.75 -16.29 -6.62
N GLN A 132 12.30 -17.31 -7.29
CA GLN A 132 12.04 -18.69 -6.87
C GLN A 132 12.64 -19.00 -5.50
N THR A 133 13.88 -18.62 -5.26
CA THR A 133 14.56 -19.02 -4.04
C THR A 133 14.31 -18.11 -2.85
N GLU A 134 13.91 -16.86 -3.04
CA GLU A 134 13.80 -15.96 -1.91
C GLU A 134 12.47 -15.24 -1.78
N ILE A 135 11.71 -15.07 -2.85
CA ILE A 135 10.49 -14.28 -2.80
C ILE A 135 9.31 -15.22 -2.60
N ASP A 136 8.41 -14.84 -1.70
CA ASP A 136 7.18 -15.59 -1.52
C ASP A 136 6.07 -15.09 -2.43
N GLU A 137 5.86 -13.76 -2.48
CA GLU A 137 4.83 -13.19 -3.35
C GLU A 137 5.37 -11.93 -4.00
N GLU A 138 4.81 -11.63 -5.17
CA GLU A 138 5.10 -10.40 -5.89
C GLU A 138 3.84 -9.54 -5.91
N TRP A 139 3.98 -8.26 -5.58
CA TRP A 139 2.87 -7.32 -5.56
C TRP A 139 3.25 -6.05 -6.29
N SER A 140 2.28 -5.49 -7.04
CA SER A 140 2.41 -4.24 -7.80
C SER A 140 1.31 -3.26 -7.40
N ILE A 141 1.69 -1.99 -7.26
CA ILE A 141 0.74 -0.94 -6.89
C ILE A 141 0.00 -0.37 -8.10
N GLY A 142 0.49 -0.58 -9.31
CA GLY A 142 -0.21 -0.13 -10.50
C GLY A 142 0.64 -0.29 -11.74
N ASP A 143 0.00 -0.04 -12.88
CA ASP A 143 0.62 -0.25 -14.19
C ASP A 143 1.20 1.06 -14.70
N TYR A 144 2.36 1.41 -14.17
CA TYR A 144 3.12 2.57 -14.61
C TYR A 144 4.59 2.30 -14.35
N VAL A 145 5.43 3.01 -15.08
CA VAL A 145 6.86 2.77 -15.02
C VAL A 145 7.45 3.68 -13.94
N LEU A 146 8.02 3.09 -12.90
CA LEU A 146 8.75 3.83 -11.87
C LEU A 146 10.27 3.60 -12.02
N THR A 147 11.05 4.21 -11.15
CA THR A 147 12.50 4.01 -11.12
C THR A 147 12.98 3.15 -9.95
N GLY A 148 12.13 2.91 -8.96
CA GLY A 148 12.46 2.02 -7.86
C GLY A 148 11.19 1.53 -7.20
N GLY A 149 11.35 0.52 -6.37
CA GLY A 149 10.21 0.00 -5.65
C GLY A 149 10.05 0.54 -4.24
N GLU A 150 10.81 1.55 -3.84
CA GLU A 150 10.65 2.12 -2.51
C GLU A 150 9.29 2.78 -2.34
N LEU A 151 8.90 3.66 -3.28
CA LEU A 151 7.60 4.30 -3.13
C LEU A 151 6.48 3.27 -3.11
N PRO A 152 6.47 2.26 -3.98
CA PRO A 152 5.47 1.20 -3.82
C PRO A 152 5.53 0.53 -2.46
N ALA A 153 6.74 0.32 -1.91
CA ALA A 153 6.85 -0.31 -0.60
C ALA A 153 6.23 0.57 0.48
N MET A 154 6.43 1.89 0.39
CA MET A 154 5.90 2.78 1.42
C MET A 154 4.38 2.87 1.34
N THR A 155 3.84 3.01 0.13
CA THR A 155 2.40 2.88 -0.09
C THR A 155 1.87 1.62 0.59
N LEU A 156 2.53 0.49 0.31
CA LEU A 156 2.08 -0.79 0.89
C LEU A 156 2.11 -0.75 2.42
N ILE A 157 3.17 -0.17 3.00
CA ILE A 157 3.26 -0.05 4.45
C ILE A 157 2.14 0.81 4.99
N ASP A 158 1.93 1.98 4.38
CA ASP A 158 0.85 2.87 4.78
C ASP A 158 -0.51 2.16 4.78
N ALA A 159 -0.82 1.40 3.71
CA ALA A 159 -2.10 0.70 3.62
C ALA A 159 -2.26 -0.35 4.71
N VAL A 160 -1.22 -1.13 5.01
CA VAL A 160 -1.37 -2.20 5.98
C VAL A 160 -1.37 -1.66 7.40
N ALA A 161 -0.69 -0.54 7.64
CA ALA A 161 -0.60 -0.04 9.01
C ALA A 161 -1.96 0.27 9.59
N ARG A 162 -2.97 0.54 8.75
CA ARG A 162 -4.31 0.84 9.24
C ARG A 162 -4.97 -0.35 9.93
N PHE A 163 -4.41 -1.55 9.79
CA PHE A 163 -4.94 -2.75 10.42
C PHE A 163 -4.20 -3.12 11.70
N ILE A 164 -3.24 -2.32 12.12
CA ILE A 164 -2.51 -2.60 13.36
C ILE A 164 -3.41 -2.23 14.54
N PRO A 165 -3.60 -3.13 15.50
CA PRO A 165 -4.35 -2.78 16.71
C PRO A 165 -3.72 -1.57 17.39
N GLY A 166 -4.56 -0.60 17.70
CA GLY A 166 -4.10 0.59 18.37
C GLY A 166 -3.87 1.77 17.46
N VAL A 167 -4.13 1.63 16.16
CA VAL A 167 -3.90 2.74 15.25
C VAL A 167 -5.12 3.67 15.05
N LEU A 168 -6.31 3.24 15.39
CA LEU A 168 -7.42 4.19 15.41
C LEU A 168 -8.53 3.76 16.35
N ASP A 181 -16.76 2.40 3.51
CA ASP A 181 -16.38 1.00 3.62
C ASP A 181 -15.40 0.64 2.49
N GLY A 182 -15.85 -0.20 1.57
CA GLY A 182 -15.09 -0.48 0.38
C GLY A 182 -15.41 0.40 -0.80
N LEU A 183 -16.52 1.13 -0.75
CA LEU A 183 -16.94 1.99 -1.84
C LEU A 183 -16.25 3.36 -1.76
N LEU A 184 -16.40 4.14 -2.82
CA LEU A 184 -15.91 5.52 -2.82
C LEU A 184 -16.71 6.37 -1.85
N ASP A 185 -16.04 7.38 -1.30
CA ASP A 185 -16.67 8.32 -0.39
C ASP A 185 -17.78 9.13 -1.07
N CYS A 186 -18.80 9.46 -0.29
CA CYS A 186 -19.71 10.52 -0.69
C CYS A 186 -18.94 11.85 -0.71
N PRO A 187 -19.48 12.86 -1.39
CA PRO A 187 -18.90 14.20 -1.30
C PRO A 187 -18.82 14.69 0.14
N HIS A 188 -17.73 15.39 0.45
CA HIS A 188 -17.56 16.00 1.75
C HIS A 188 -17.72 17.51 1.63
N TYR A 189 -18.24 18.12 2.69
CA TYR A 189 -18.39 19.57 2.76
C TYR A 189 -17.99 20.03 4.14
N THR A 190 -17.15 21.04 4.22
CA THR A 190 -16.87 21.70 5.48
C THR A 190 -17.10 23.21 5.33
N ARG A 191 -16.76 24.01 6.33
CA ARG A 191 -16.92 25.46 6.22
C ARG A 191 -16.14 26.02 5.02
N PRO A 192 -16.66 27.07 4.34
CA PRO A 192 -17.90 27.72 4.79
C PRO A 192 -19.16 27.22 4.11
N GLU A 193 -20.29 27.75 4.55
CA GLU A 193 -21.56 27.31 4.00
C GLU A 193 -21.65 27.61 2.51
N VAL A 194 -21.10 28.75 2.08
CA VAL A 194 -21.16 29.20 0.70
C VAL A 194 -19.74 29.55 0.33
N LEU A 195 -19.17 28.81 -0.62
CA LEU A 195 -17.77 28.91 -0.97
C LEU A 195 -17.68 29.27 -2.44
N GLU A 196 -17.10 30.43 -2.74
CA GLU A 196 -17.15 31.01 -4.07
C GLU A 196 -18.51 30.87 -4.74
N GLY A 197 -19.58 31.16 -4.00
CA GLY A 197 -20.90 31.07 -4.56
C GLY A 197 -21.55 29.71 -4.55
N LEU A 198 -20.85 28.67 -4.11
CA LEU A 198 -21.34 27.29 -4.12
C LEU A 198 -21.79 26.87 -2.73
N THR A 199 -23.00 26.34 -2.62
CA THR A 199 -23.59 26.09 -1.31
C THR A 199 -23.56 24.60 -0.97
N VAL A 200 -23.59 24.32 0.32
CA VAL A 200 -23.63 22.93 0.80
C VAL A 200 -25.02 22.37 0.54
N PRO A 201 -25.15 21.09 0.17
CA PRO A 201 -26.49 20.49 0.06
C PRO A 201 -27.29 20.73 1.32
N PRO A 202 -28.51 21.26 1.21
CA PRO A 202 -29.28 21.61 2.43
C PRO A 202 -29.41 20.47 3.41
N VAL A 203 -29.54 19.22 2.93
CA VAL A 203 -29.73 18.10 3.83
C VAL A 203 -28.62 18.03 4.88
N LEU A 204 -27.38 18.34 4.48
CA LEU A 204 -26.28 18.31 5.45
C LEU A 204 -26.41 19.42 6.49
N MET A 205 -27.01 20.56 6.12
CA MET A 205 -27.26 21.62 7.10
C MET A 205 -28.49 21.35 7.96
N SER A 206 -29.34 20.40 7.54
CA SER A 206 -30.68 20.26 8.11
C SER A 206 -30.64 19.84 9.58
N GLY A 207 -29.67 19.05 9.98
CA GLY A 207 -29.68 18.55 11.34
C GLY A 207 -30.50 17.30 11.57
N HIS A 208 -31.13 16.71 10.54
CA HIS A 208 -31.79 15.41 10.70
CA HIS A 208 -31.81 15.42 10.65
C HIS A 208 -30.83 14.32 10.28
N HIS A 209 -30.30 13.61 11.28
CA HIS A 209 -29.26 12.62 11.03
C HIS A 209 -29.74 11.42 10.19
N GLU A 210 -31.02 11.10 10.20
CA GLU A 210 -31.48 10.00 9.37
C GLU A 210 -31.53 10.36 7.88
N GLU A 211 -31.97 11.57 7.53
CA GLU A 211 -31.86 11.99 6.13
C GLU A 211 -30.41 12.12 5.69
N ILE A 212 -29.53 12.56 6.60
CA ILE A 212 -28.11 12.71 6.27
C ILE A 212 -27.47 11.35 5.98
N ARG A 213 -27.77 10.36 6.81
CA ARG A 213 -27.29 9.01 6.58
C ARG A 213 -27.72 8.48 5.22
N LYS A 214 -29.01 8.60 4.88
CA LYS A 214 -29.50 8.04 3.61
C LYS A 214 -28.83 8.74 2.43
N TRP A 215 -28.70 10.06 2.50
CA TRP A 215 -28.09 10.81 1.42
C TRP A 215 -26.62 10.42 1.24
N ARG A 216 -25.85 10.36 2.34
CA ARG A 216 -24.43 10.04 2.26
C ARG A 216 -24.20 8.66 1.65
N LEU A 217 -25.03 7.69 2.04
CA LEU A 217 -24.89 6.34 1.51
C LEU A 217 -25.32 6.27 0.06
N LYS A 218 -26.35 7.03 -0.32
CA LYS A 218 -26.80 7.04 -1.70
C LYS A 218 -25.77 7.70 -2.62
N GLN A 219 -25.17 8.80 -2.16
CA GLN A 219 -24.18 9.49 -3.00
C GLN A 219 -22.92 8.66 -3.13
N SER A 220 -22.51 8.01 -2.06
CA SER A 220 -21.42 7.05 -2.13
C SER A 220 -21.66 6.01 -3.22
N LEU A 221 -22.85 5.39 -3.25
CA LEU A 221 -23.14 4.32 -4.20
C LEU A 221 -23.16 4.82 -5.65
N GLN A 222 -23.65 6.04 -5.87
CA GLN A 222 -23.66 6.61 -7.22
C GLN A 222 -22.24 6.91 -7.71
N ARG A 223 -21.42 7.56 -6.86
CA ARG A 223 -20.01 7.75 -7.17
C ARG A 223 -19.35 6.43 -7.58
N THR A 224 -19.39 5.43 -6.68
CA THR A 224 -18.85 4.12 -6.99
C THR A 224 -19.39 3.60 -8.32
N TRP A 225 -20.70 3.70 -8.52
CA TRP A 225 -21.30 3.24 -9.77
C TRP A 225 -20.68 3.93 -10.98
N LEU A 226 -20.64 5.27 -10.95
CA LEU A 226 -20.19 6.05 -12.11
C LEU A 226 -18.68 5.97 -12.31
N ARG A 227 -17.89 6.14 -11.26
CA ARG A 227 -16.45 6.34 -11.41
C ARG A 227 -15.62 5.06 -11.23
N ARG A 228 -16.11 4.06 -10.50
CA ARG A 228 -15.38 2.81 -10.32
C ARG A 228 -16.37 1.67 -10.19
N PRO A 229 -17.13 1.39 -11.27
CA PRO A 229 -18.18 0.36 -11.18
C PRO A 229 -17.69 -0.98 -10.67
N GLU A 230 -16.43 -1.33 -10.96
CA GLU A 230 -15.93 -2.66 -10.70
C GLU A 230 -15.81 -2.98 -9.23
N LEU A 231 -15.84 -1.95 -8.37
CA LEU A 231 -15.86 -2.21 -6.93
C LEU A 231 -17.16 -2.84 -6.49
N LEU A 232 -18.22 -2.71 -7.28
CA LEU A 232 -19.52 -3.32 -6.99
C LEU A 232 -19.57 -4.81 -7.36
N GLU A 233 -18.70 -5.25 -8.27
CA GLU A 233 -18.78 -6.59 -8.84
C GLU A 233 -18.51 -7.69 -7.80
N GLY A 234 -17.93 -7.37 -6.65
CA GLY A 234 -17.66 -8.37 -5.64
C GLY A 234 -18.45 -8.26 -4.36
N LEU A 235 -19.52 -7.48 -4.33
CA LEU A 235 -20.31 -7.31 -3.14
C LEU A 235 -21.73 -7.81 -3.40
N ALA A 236 -22.37 -8.28 -2.36
CA ALA A 236 -23.82 -8.44 -2.34
C ALA A 236 -24.36 -7.27 -1.50
N LEU A 237 -24.89 -6.25 -2.17
CA LEU A 237 -25.34 -5.05 -1.49
C LEU A 237 -26.50 -5.33 -0.52
N THR A 238 -26.60 -4.52 0.53
CA THR A 238 -27.73 -4.61 1.44
C THR A 238 -29.02 -4.19 0.76
N ASP A 239 -30.14 -4.60 1.36
CA ASP A 239 -31.46 -4.18 0.88
C ASP A 239 -31.51 -2.67 0.71
N GLU A 240 -31.05 -1.93 1.72
CA GLU A 240 -31.05 -0.47 1.64
C GLU A 240 -30.17 0.01 0.50
N GLN A 241 -28.96 -0.55 0.39
CA GLN A 241 -28.03 -0.10 -0.64
C GLN A 241 -28.57 -0.39 -2.04
N ARG A 242 -29.24 -1.53 -2.24
CA ARG A 242 -29.79 -1.80 -3.57
C ARG A 242 -30.89 -0.82 -3.90
N LYS A 243 -31.69 -0.46 -2.90
CA LYS A 243 -32.79 0.48 -3.12
C LYS A 243 -32.25 1.86 -3.48
N LEU A 244 -31.32 2.38 -2.66
CA LEU A 244 -30.72 3.70 -2.91
C LEU A 244 -29.96 3.75 -4.23
N LEU A 245 -29.26 2.67 -4.61
CA LEU A 245 -28.57 2.66 -5.89
C LEU A 245 -29.56 2.70 -7.06
N LYS A 246 -30.60 1.85 -7.02
CA LYS A 246 -31.58 1.83 -8.11
C LYS A 246 -32.22 3.20 -8.30
N GLU A 247 -32.55 3.87 -7.19
CA GLU A 247 -33.05 5.24 -7.29
C GLU A 247 -32.05 6.12 -8.00
N ALA A 248 -30.78 6.08 -7.58
CA ALA A 248 -29.81 7.02 -8.13
C ALA A 248 -29.54 6.75 -9.60
N GLN A 249 -29.60 5.48 -10.02
CA GLN A 249 -29.40 5.13 -11.42
C GLN A 249 -30.52 5.71 -12.28
N ALA A 250 -31.75 5.73 -11.75
CA ALA A 250 -32.87 6.25 -12.51
C ALA A 250 -32.86 7.78 -12.56
N GLU A 251 -32.46 8.43 -11.46
CA GLU A 251 -32.32 9.88 -11.37
C GLU A 251 -31.17 10.43 -12.20
N HIS A 252 -30.42 9.57 -12.89
CA HIS A 252 -29.27 9.98 -13.68
C HIS A 252 -29.59 9.77 -15.15
C7 EFY B . 8.16 -2.77 -17.57
C25 EFY B . 5.18 -0.06 -11.06
C8 EFY B . 8.81 -2.14 -16.53
C24 EFY B . 6.55 -0.22 -11.17
C6 EFY B . 6.80 -2.67 -17.70
C26 EFY B . 4.50 -0.56 -9.97
C10 EFY B . 6.69 -1.29 -15.78
C30 EFY B . 7.07 -2.10 -7.85
C31 EFY B . 6.62 -1.36 -9.09
C9 EFY B . 8.06 -1.41 -15.64
C23 EFY B . 7.29 -0.86 -10.19
C5 EFY B . 6.05 -1.93 -16.82
C27 EFY B . 5.22 -1.21 -8.98
C11 EFY B . 8.75 -0.72 -14.53
C21 EFY B . 8.74 -1.04 -10.29
C17 EFY B . 12.35 -2.52 -10.94
C18 EFY B . 12.83 -1.12 -10.69
C16 EFY B . 10.98 -2.44 -11.58
C19 EFY B . 11.63 -0.21 -10.87
C15 EFY B . 10.70 -0.95 -11.83
C1 EFY B . 3.90 -2.70 -15.98
C3 EFY B . 4.19 -2.35 -18.38
C4 EFY B . 4.08 -0.41 -16.85
C14 EFY B . 10.91 -0.55 -13.29
C2 EFY B . 4.56 -1.84 -17.01
N28 EFY B . 4.79 -1.78 -7.84
N20 EFY B . 9.31 -0.62 -11.46
N13 EFY B . 10.01 -1.23 -14.20
O12 EFY B . 8.20 0.22 -14.00
O22 EFY B . 9.36 -1.59 -9.40
O29 EFY B . 5.86 -2.34 -7.10
#